data_4DFW
#
_entry.id   4DFW
#
_cell.length_a   35.665
_cell.length_b   34.844
_cell.length_c   47.097
_cell.angle_alpha   76.44
_cell.angle_beta   86.95
_cell.angle_gamma   69.14
#
_symmetry.space_group_name_H-M   'P 1'
#
loop_
_entity.id
_entity.type
_entity.pdbx_description
1 polymer 'Serine/threonine-protein kinase PLK1'
2 polymer Peptide
3 non-polymer 'CHLORIDE ION'
4 water water
#
loop_
_entity_poly.entity_id
_entity_poly.type
_entity_poly.pdbx_seq_one_letter_code
_entity_poly.pdbx_strand_id
1 'polypeptide(L)'
;GEVVDCHLSDMLQQLHSVNASKPSERGLVRQEEAEDPACIPIFWVSKWVDYSDKYGLGYQLCDNSVGVLFNDSTRLILYN
DGDSLQYIERDGTESYLTVSSHPNSLMKKITLLKYFRNYMSEHLLKAGANITPREGDELARLPYLRTWFRTRSAIILHLS
NGSVQINFFQDHTKLILCPLMAAVTYIDEKRDFRTYRLSLLEEYGCCKELASRLRYARTMVDKLLSSRSASNRLKAS
;
A
2 'polypeptide(L)' (ACE)(0LF)LHS(TPO)(NH2) D
#
# COMPACT_ATOMS: atom_id res chain seq x y z
N HIS A 7 -9.99 -8.03 5.53
CA HIS A 7 -8.94 -8.96 5.14
C HIS A 7 -7.78 -8.93 6.12
N LEU A 8 -7.82 -8.01 7.08
CA LEU A 8 -6.74 -7.92 8.06
C LEU A 8 -6.63 -9.16 8.93
N SER A 9 -7.77 -9.74 9.29
CA SER A 9 -7.71 -10.95 10.07
C SER A 9 -7.04 -12.08 9.30
N ASP A 10 -7.32 -12.18 8.00
CA ASP A 10 -6.70 -13.19 7.16
C ASP A 10 -5.19 -12.94 7.08
N MET A 11 -4.84 -11.66 6.93
CA MET A 11 -3.42 -11.32 6.80
CA MET A 11 -3.44 -11.24 6.83
C MET A 11 -2.69 -11.68 8.09
N LEU A 12 -3.32 -11.44 9.23
CA LEU A 12 -2.73 -11.79 10.51
C LEU A 12 -2.50 -13.30 10.60
N GLN A 13 -3.48 -14.11 10.22
CA GLN A 13 -3.29 -15.54 10.20
C GLN A 13 -2.13 -15.95 9.29
N GLN A 14 -2.03 -15.36 8.11
CA GLN A 14 -0.98 -15.70 7.18
C GLN A 14 0.39 -15.35 7.76
N LEU A 15 0.49 -14.17 8.37
CA LEU A 15 1.75 -13.75 8.97
C LEU A 15 2.12 -14.60 10.20
N HIS A 16 1.15 -14.88 11.05
CA HIS A 16 1.40 -15.78 12.17
C HIS A 16 1.99 -17.09 11.66
N SER A 17 1.44 -17.60 10.58
CA SER A 17 1.86 -18.89 10.05
C SER A 17 3.32 -18.83 9.52
N VAL A 18 3.64 -17.81 8.72
CA VAL A 18 4.98 -17.73 8.17
C VAL A 18 6.00 -17.48 9.28
N ASN A 19 5.66 -16.64 10.25
CA ASN A 19 6.63 -16.31 11.27
C ASN A 19 6.84 -17.46 12.24
N ALA A 20 5.80 -18.23 12.52
CA ALA A 20 5.96 -19.40 13.38
C ALA A 20 6.88 -20.43 12.75
N SER A 21 7.02 -20.39 11.42
CA SER A 21 7.91 -21.35 10.74
C SER A 21 9.39 -20.95 10.90
N LYS A 22 9.66 -19.81 11.53
CA LYS A 22 11.02 -19.28 11.76
C LYS A 22 11.85 -19.39 10.48
N PRO A 23 11.43 -18.65 9.45
CA PRO A 23 11.98 -18.95 8.12
C PRO A 23 13.46 -18.62 7.91
N SER A 24 14.07 -17.82 8.78
CA SER A 24 15.51 -17.57 8.65
C SER A 24 16.34 -18.53 9.50
N GLU A 25 15.69 -19.31 10.35
CA GLU A 25 16.40 -20.22 11.23
C GLU A 25 16.42 -21.59 10.59
N ARG A 26 17.12 -21.66 9.47
CA ARG A 26 17.16 -22.84 8.62
C ARG A 26 18.60 -23.14 8.28
N GLY A 27 18.88 -24.42 8.10
CA GLY A 27 20.19 -24.88 7.70
C GLY A 27 20.56 -24.38 6.31
N LEU A 28 19.59 -24.32 5.41
CA LEU A 28 19.80 -23.67 4.13
C LEU A 28 18.56 -22.99 3.58
N VAL A 29 18.56 -21.67 3.70
CA VAL A 29 17.51 -20.80 3.16
C VAL A 29 17.57 -20.80 1.63
N ARG A 30 16.42 -21.02 0.99
CA ARG A 30 16.32 -21.04 -0.46
C ARG A 30 15.18 -20.09 -0.87
N GLN A 31 15.38 -18.83 -0.52
CA GLN A 31 14.38 -17.80 -0.70
C GLN A 31 13.87 -17.70 -2.16
N GLU A 32 14.78 -17.85 -3.11
CA GLU A 32 14.45 -17.79 -4.52
C GLU A 32 13.37 -18.80 -4.96
N GLU A 33 13.30 -19.95 -4.28
CA GLU A 33 12.37 -21.00 -4.63
C GLU A 33 10.94 -20.66 -4.18
N ALA A 34 10.81 -19.60 -3.39
CA ALA A 34 9.51 -19.10 -2.96
C ALA A 34 8.96 -17.99 -3.85
N GLU A 35 9.71 -17.61 -4.87
CA GLU A 35 9.26 -16.53 -5.80
C GLU A 35 8.08 -16.96 -6.66
N ASP A 36 7.15 -16.04 -6.87
CA ASP A 36 6.00 -16.28 -7.73
C ASP A 36 5.61 -14.94 -8.32
N PRO A 37 6.24 -14.56 -9.44
CA PRO A 37 6.05 -13.27 -10.11
C PRO A 37 4.60 -13.04 -10.55
N ALA A 38 3.79 -14.09 -10.61
CA ALA A 38 2.41 -13.93 -11.04
C ALA A 38 1.54 -13.32 -9.96
N CYS A 39 2.06 -13.28 -8.73
CA CYS A 39 1.32 -12.71 -7.61
C CYS A 39 1.68 -11.25 -7.36
N ILE A 40 2.50 -10.65 -8.23
CA ILE A 40 2.75 -9.21 -8.19
C ILE A 40 1.39 -8.48 -8.08
N PRO A 41 1.31 -7.40 -7.30
CA PRO A 41 0.01 -6.73 -7.13
C PRO A 41 -0.43 -5.97 -8.36
N ILE A 42 -1.71 -5.66 -8.42
CA ILE A 42 -2.23 -4.70 -9.38
C ILE A 42 -1.97 -3.27 -8.88
N PHE A 43 -2.16 -3.05 -7.58
CA PHE A 43 -2.02 -1.73 -6.98
C PHE A 43 -1.06 -1.68 -5.78
N TRP A 44 -0.30 -0.59 -5.75
CA TRP A 44 0.41 -0.20 -4.53
C TRP A 44 0.54 1.30 -4.52
N VAL A 45 0.99 1.83 -3.40
CA VAL A 45 1.18 3.26 -3.24
C VAL A 45 2.55 3.65 -3.76
N SER A 46 2.57 4.53 -4.76
CA SER A 46 3.83 4.96 -5.36
C SER A 46 4.40 6.26 -4.80
N LYS A 47 3.54 7.12 -4.26
CA LYS A 47 3.94 8.41 -3.67
C LYS A 47 3.00 8.75 -2.53
N TRP A 48 3.47 9.50 -1.55
CA TRP A 48 2.59 10.01 -0.50
C TRP A 48 3.11 11.30 0.10
N VAL A 49 2.17 12.05 0.65
CA VAL A 49 2.44 13.35 1.27
C VAL A 49 1.62 13.45 2.55
N ASP A 50 2.30 13.51 3.68
CA ASP A 50 1.63 13.63 4.97
C ASP A 50 1.51 15.12 5.32
N TYR A 51 0.34 15.70 5.04
CA TYR A 51 0.05 17.09 5.45
C TYR A 51 -1.04 17.03 6.53
N SER A 52 -0.91 16.10 7.46
CA SER A 52 -1.96 15.86 8.44
C SER A 52 -2.04 16.99 9.47
N ASP A 53 -1.04 17.85 9.50
CA ASP A 53 -1.11 19.07 10.33
C ASP A 53 -2.33 19.89 9.97
N LYS A 54 -2.78 19.79 8.73
CA LYS A 54 -3.81 20.71 8.23
C LYS A 54 -4.93 20.00 7.49
N TYR A 55 -4.57 19.10 6.57
CA TYR A 55 -5.56 18.56 5.64
C TYR A 55 -5.71 17.05 5.61
N GLY A 56 -4.60 16.33 5.59
CA GLY A 56 -4.62 14.89 5.51
C GLY A 56 -3.40 14.34 4.77
N LEU A 57 -3.57 13.14 4.23
CA LEU A 57 -2.53 12.38 3.58
C LEU A 57 -2.91 12.21 2.09
N GLY A 58 -2.13 12.83 1.21
CA GLY A 58 -2.32 12.65 -0.23
C GLY A 58 -1.42 11.52 -0.71
N TYR A 59 -1.86 10.80 -1.75
CA TYR A 59 -1.08 9.68 -2.26
C TYR A 59 -1.39 9.42 -3.72
N GLN A 60 -0.46 8.71 -4.37
CA GLN A 60 -0.60 8.27 -5.74
C GLN A 60 -0.50 6.76 -5.72
N LEU A 61 -1.35 6.09 -6.49
CA LEU A 61 -1.18 4.66 -6.73
C LEU A 61 -0.35 4.41 -7.97
N CYS A 62 0.12 3.19 -8.13
CA CYS A 62 1.04 2.87 -9.23
C CYS A 62 0.45 3.04 -10.63
N ASP A 63 -0.88 3.08 -10.75
CA ASP A 63 -1.55 3.33 -12.04
C ASP A 63 -1.65 4.83 -12.34
N ASN A 64 -1.03 5.65 -11.50
CA ASN A 64 -0.99 7.09 -11.66
C ASN A 64 -2.25 7.83 -11.22
N SER A 65 -3.25 7.11 -10.72
CA SER A 65 -4.38 7.74 -10.04
C SER A 65 -3.92 8.32 -8.69
N VAL A 66 -4.69 9.27 -8.15
CA VAL A 66 -4.32 9.89 -6.87
C VAL A 66 -5.52 9.84 -5.92
N GLY A 67 -5.23 10.06 -4.65
CA GLY A 67 -6.26 10.12 -3.64
C GLY A 67 -5.79 10.92 -2.45
N VAL A 68 -6.75 11.28 -1.59
CA VAL A 68 -6.47 11.93 -0.35
C VAL A 68 -7.34 11.28 0.72
N LEU A 69 -6.72 10.93 1.85
CA LEU A 69 -7.46 10.60 3.07
C LEU A 69 -7.40 11.85 3.94
N PHE A 70 -8.51 12.58 4.01
CA PHE A 70 -8.57 13.82 4.78
C PHE A 70 -8.63 13.55 6.30
N ASN A 71 -8.37 14.61 7.08
CA ASN A 71 -8.35 14.50 8.53
C ASN A 71 -9.71 14.15 9.09
N ASP A 72 -10.77 14.45 8.33
CA ASP A 72 -12.13 14.08 8.74
C ASP A 72 -12.50 12.65 8.35
N SER A 73 -11.49 11.88 7.94
CA SER A 73 -11.64 10.46 7.61
CA SER A 73 -11.61 10.46 7.60
C SER A 73 -12.47 10.21 6.37
N THR A 74 -12.63 11.24 5.53
CA THR A 74 -13.25 11.03 4.22
C THR A 74 -12.13 10.87 3.19
N ARG A 75 -12.45 10.28 2.04
CA ARG A 75 -11.48 10.08 0.96
C ARG A 75 -12.00 10.59 -0.35
N LEU A 76 -11.15 11.24 -1.12
CA LEU A 76 -11.49 11.60 -2.49
C LEU A 76 -10.43 10.99 -3.40
N ILE A 77 -10.87 10.25 -4.42
CA ILE A 77 -9.98 9.59 -5.37
C ILE A 77 -10.23 10.14 -6.77
N LEU A 78 -9.16 10.40 -7.50
CA LEU A 78 -9.23 10.84 -8.87
C LEU A 78 -8.59 9.76 -9.76
N TYR A 79 -9.38 9.21 -10.68
CA TYR A 79 -8.91 8.19 -11.61
C TYR A 79 -7.89 8.75 -12.61
N ASN A 80 -7.11 7.86 -13.22
CA ASN A 80 -6.04 8.28 -14.12
C ASN A 80 -6.61 8.81 -15.44
N ASP A 81 -7.94 8.77 -15.60
CA ASP A 81 -8.55 9.46 -16.74
C ASP A 81 -8.63 10.97 -16.53
N GLY A 82 -8.27 11.44 -15.33
CA GLY A 82 -8.20 12.86 -15.03
C GLY A 82 -9.50 13.59 -14.70
N ASP A 83 -10.60 12.85 -14.69
CA ASP A 83 -11.90 13.48 -14.51
C ASP A 83 -12.79 12.74 -13.49
N SER A 84 -12.71 11.42 -13.46
CA SER A 84 -13.63 10.66 -12.64
C SER A 84 -13.20 10.67 -11.18
N LEU A 85 -14.17 10.95 -10.31
CA LEU A 85 -13.97 10.99 -8.86
C LEU A 85 -14.78 9.94 -8.14
N GLN A 86 -14.23 9.43 -7.06
CA GLN A 86 -15.02 8.69 -6.10
C GLN A 86 -14.81 9.34 -4.74
N TYR A 87 -15.92 9.66 -4.07
CA TYR A 87 -15.87 10.19 -2.74
C TYR A 87 -16.34 9.12 -1.79
N ILE A 88 -15.61 8.93 -0.70
CA ILE A 88 -15.93 7.93 0.30
C ILE A 88 -16.07 8.62 1.64
N GLU A 89 -17.29 8.59 2.20
CA GLU A 89 -17.55 9.19 3.49
C GLU A 89 -16.89 8.42 4.63
N ARG A 90 -16.84 9.04 5.80
CA ARG A 90 -16.26 8.41 6.99
C ARG A 90 -16.93 7.06 7.28
N ASP A 91 -18.25 6.99 7.07
CA ASP A 91 -19.03 5.75 7.29
C ASP A 91 -18.94 4.76 6.12
N GLY A 92 -18.15 5.11 5.10
CA GLY A 92 -17.85 4.21 4.00
C GLY A 92 -18.71 4.39 2.75
N THR A 93 -19.70 5.27 2.81
CA THR A 93 -20.63 5.48 1.69
C THR A 93 -19.89 6.08 0.51
N GLU A 94 -20.09 5.48 -0.65
CA GLU A 94 -19.38 5.84 -1.87
C GLU A 94 -20.28 6.57 -2.85
N SER A 95 -19.71 7.58 -3.51
CA SER A 95 -20.42 8.31 -4.56
C SER A 95 -19.48 8.50 -5.71
N TYR A 96 -20.04 8.51 -6.91
CA TYR A 96 -19.25 8.55 -8.12
C TYR A 96 -19.60 9.86 -8.81
N LEU A 97 -18.58 10.65 -9.13
CA LEU A 97 -18.76 12.02 -9.57
C LEU A 97 -17.70 12.34 -10.61
N THR A 98 -17.71 13.56 -11.12
CA THR A 98 -16.68 14.00 -12.05
C THR A 98 -16.21 15.39 -11.68
N VAL A 99 -14.97 15.69 -12.04
CA VAL A 99 -14.41 17.02 -11.80
C VAL A 99 -15.19 18.03 -12.66
N SER A 100 -15.52 17.61 -13.88
CA SER A 100 -16.19 18.48 -14.83
C SER A 100 -17.58 18.92 -14.35
N PRO A 103 -20.23 18.32 -7.69
CA PRO A 103 -21.03 19.14 -6.79
C PRO A 103 -20.22 20.28 -6.15
N ASN A 104 -20.87 21.41 -5.89
CA ASN A 104 -20.20 22.51 -5.23
CA ASN A 104 -20.21 22.51 -5.23
C ASN A 104 -19.67 22.11 -3.86
N SER A 105 -20.32 21.13 -3.22
CA SER A 105 -19.95 20.67 -1.88
C SER A 105 -18.54 20.07 -1.83
N LEU A 106 -18.01 19.67 -2.98
CA LEU A 106 -16.67 19.08 -3.00
C LEU A 106 -15.60 19.99 -3.59
N MET A 107 -15.95 21.22 -3.94
CA MET A 107 -14.95 22.10 -4.57
C MET A 107 -13.68 22.25 -3.74
N LYS A 108 -13.81 22.44 -2.43
CA LYS A 108 -12.63 22.65 -1.59
C LYS A 108 -11.71 21.40 -1.57
N LYS A 109 -12.32 20.23 -1.40
CA LYS A 109 -11.56 18.98 -1.37
C LYS A 109 -10.97 18.65 -2.74
N ILE A 110 -11.65 19.00 -3.83
CA ILE A 110 -11.11 18.79 -5.16
C ILE A 110 -9.86 19.65 -5.35
N THR A 111 -9.94 20.90 -4.92
CA THR A 111 -8.80 21.80 -4.98
C THR A 111 -7.63 21.25 -4.16
N LEU A 112 -7.88 20.81 -2.92
CA LEU A 112 -6.83 20.20 -2.12
C LEU A 112 -6.21 18.98 -2.84
N LEU A 113 -7.04 18.12 -3.42
CA LEU A 113 -6.53 16.96 -4.14
CA LEU A 113 -6.55 16.96 -4.15
C LEU A 113 -5.63 17.40 -5.28
N LYS A 114 -6.05 18.43 -6.03
CA LYS A 114 -5.20 18.91 -7.15
C LYS A 114 -3.85 19.40 -6.65
N TYR A 115 -3.84 20.07 -5.50
CA TYR A 115 -2.59 20.61 -4.96
C TYR A 115 -1.70 19.45 -4.52
N PHE A 116 -2.27 18.42 -3.88
CA PHE A 116 -1.49 17.25 -3.54
C PHE A 116 -0.92 16.61 -4.80
N ARG A 117 -1.79 16.40 -5.78
CA ARG A 117 -1.37 16.00 -7.11
CA ARG A 117 -1.38 16.00 -7.11
C ARG A 117 -0.13 16.67 -7.70
N ASN A 118 -0.22 18.00 -7.71
CA ASN A 118 0.86 18.81 -8.22
C ASN A 118 2.12 18.61 -7.42
N TYR A 119 2.02 18.63 -6.09
CA TYR A 119 3.21 18.45 -5.21
C TYR A 119 3.90 17.12 -5.48
N MET A 120 3.13 16.04 -5.57
CA MET A 120 3.71 14.74 -5.83
C MET A 120 4.45 14.71 -7.17
N SER A 121 3.88 15.36 -8.19
CA SER A 121 4.53 15.41 -9.49
CA SER A 121 4.52 15.45 -9.50
C SER A 121 5.80 16.26 -9.44
N GLU A 122 5.78 17.33 -8.65
CA GLU A 122 6.88 18.32 -8.61
C GLU A 122 8.07 17.81 -7.84
N HIS A 123 7.84 16.95 -6.84
CA HIS A 123 8.91 16.64 -5.89
C HIS A 123 9.28 15.18 -5.71
N LEU A 124 8.41 14.24 -6.08
CA LEU A 124 8.60 12.85 -5.60
C LEU A 124 8.80 11.82 -6.70
N LEU A 125 9.57 10.78 -6.34
CA LEU A 125 9.78 9.62 -7.21
C LEU A 125 8.59 8.66 -7.13
N LYS A 126 8.39 7.88 -8.18
CA LYS A 126 7.37 6.84 -8.20
C LYS A 126 7.95 5.50 -7.66
N ALA A 127 7.51 5.04 -6.49
CA ALA A 127 7.97 3.75 -5.97
C ALA A 127 7.52 2.66 -6.89
N GLY A 128 8.42 1.72 -7.12
CA GLY A 128 8.13 0.60 -7.99
C GLY A 128 7.88 0.99 -9.44
N ALA A 129 8.50 2.09 -9.88
CA ALA A 129 8.26 2.61 -11.23
C ALA A 129 8.67 1.60 -12.30
N ASN A 130 9.66 0.77 -11.96
CA ASN A 130 10.20 -0.26 -12.86
C ASN A 130 9.46 -1.60 -12.81
N ILE A 131 8.38 -1.66 -12.05
CA ILE A 131 7.62 -2.89 -11.89
C ILE A 131 6.42 -2.82 -12.80
N THR A 132 6.23 -3.88 -13.57
CA THR A 132 5.01 -4.07 -14.36
C THR A 132 3.93 -4.58 -13.44
N PRO A 133 2.88 -3.77 -13.21
CA PRO A 133 1.82 -4.30 -12.36
C PRO A 133 1.08 -5.47 -13.00
N ARG A 134 0.48 -6.30 -12.16
CA ARG A 134 -0.37 -7.34 -12.68
C ARG A 134 -1.54 -6.68 -13.41
N GLU A 135 -1.94 -7.28 -14.51
CA GLU A 135 -3.10 -6.83 -15.27
C GLU A 135 -4.35 -7.46 -14.68
N GLY A 136 -5.31 -6.61 -14.36
CA GLY A 136 -6.62 -7.09 -13.99
C GLY A 136 -7.66 -6.44 -14.87
N ASP A 137 -8.84 -6.22 -14.30
CA ASP A 137 -9.97 -5.72 -15.06
C ASP A 137 -9.86 -4.21 -15.22
N GLU A 138 -9.63 -3.77 -16.45
CA GLU A 138 -9.50 -2.34 -16.77
C GLU A 138 -10.67 -1.49 -16.26
N LEU A 139 -11.83 -2.11 -16.08
CA LEU A 139 -13.03 -1.39 -15.66
C LEU A 139 -13.31 -1.40 -14.17
N ALA A 140 -12.50 -2.12 -13.39
CA ALA A 140 -12.75 -2.21 -11.97
C ALA A 140 -12.52 -0.87 -11.25
N ARG A 141 -13.23 -0.70 -10.14
CA ARG A 141 -13.07 0.48 -9.30
C ARG A 141 -11.72 0.42 -8.57
N LEU A 142 -11.19 1.60 -8.31
CA LEU A 142 -9.96 1.75 -7.57
C LEU A 142 -10.19 1.46 -6.10
N PRO A 143 -9.21 0.81 -5.46
CA PRO A 143 -9.21 0.84 -4.00
C PRO A 143 -8.85 2.24 -3.51
N TYR A 144 -9.19 2.51 -2.26
CA TYR A 144 -8.83 3.76 -1.63
C TYR A 144 -8.09 3.51 -0.34
N LEU A 145 -7.49 4.56 0.21
CA LEU A 145 -6.78 4.43 1.48
C LEU A 145 -7.74 4.39 2.66
N ARG A 146 -7.75 3.27 3.38
CA ARG A 146 -8.59 3.13 4.58
C ARG A 146 -8.00 3.87 5.77
N THR A 147 -6.73 3.61 6.04
CA THR A 147 -6.04 4.31 7.11
C THR A 147 -4.55 4.17 6.91
N TRP A 148 -3.81 4.92 7.71
CA TRP A 148 -2.35 4.92 7.68
C TRP A 148 -1.83 5.39 9.03
N PHE A 149 -0.58 5.09 9.29
CA PHE A 149 0.12 5.65 10.44
C PHE A 149 1.62 5.56 10.23
N ARG A 150 2.34 6.32 11.03
CA ARG A 150 3.79 6.39 10.97
C ARG A 150 4.35 5.85 12.30
N THR A 151 5.38 5.04 12.20
CA THR A 151 6.17 4.62 13.36
C THR A 151 7.61 5.12 13.21
N ARG A 152 8.46 4.80 14.18
CA ARG A 152 9.87 5.12 14.06
C ARG A 152 10.46 4.61 12.74
N SER A 153 10.07 3.39 12.37
CA SER A 153 10.72 2.67 11.29
C SER A 153 10.06 2.75 9.90
N ALA A 154 8.76 3.05 9.86
CA ALA A 154 8.00 2.94 8.63
C ALA A 154 6.72 3.77 8.60
N ILE A 155 6.19 3.93 7.39
CA ILE A 155 4.81 4.33 7.21
C ILE A 155 4.00 3.11 6.75
N ILE A 156 2.82 2.96 7.32
CA ILE A 156 1.94 1.80 7.13
C ILE A 156 0.69 2.32 6.43
N LEU A 157 0.37 1.72 5.28
CA LEU A 157 -0.76 2.15 4.45
C LEU A 157 -1.68 0.97 4.17
N HIS A 158 -2.95 1.08 4.57
CA HIS A 158 -3.89 0.00 4.41
C HIS A 158 -4.96 0.40 3.39
N LEU A 159 -5.00 -0.34 2.29
CA LEU A 159 -5.92 -0.06 1.19
C LEU A 159 -7.21 -0.85 1.35
N SER A 160 -8.28 -0.37 0.72
CA SER A 160 -9.59 -0.94 0.91
C SER A 160 -9.74 -2.31 0.23
N ASN A 161 -8.80 -2.68 -0.64
CA ASN A 161 -8.80 -4.03 -1.24
C ASN A 161 -8.12 -5.06 -0.31
N GLY A 162 -7.71 -4.63 0.88
CA GLY A 162 -7.09 -5.52 1.86
C GLY A 162 -5.59 -5.45 1.88
N SER A 163 -4.99 -4.82 0.88
CA SER A 163 -3.54 -4.79 0.84
C SER A 163 -2.98 -3.88 1.93
N VAL A 164 -1.83 -4.25 2.47
CA VAL A 164 -1.12 -3.43 3.46
C VAL A 164 0.29 -3.22 2.96
N GLN A 165 0.69 -1.95 2.92
CA GLN A 165 2.00 -1.59 2.44
C GLN A 165 2.78 -0.95 3.57
N ILE A 166 4.03 -1.36 3.71
CA ILE A 166 4.90 -0.85 4.73
C ILE A 166 6.18 -0.34 4.08
N ASN A 167 6.43 0.98 4.18
CA ASN A 167 7.60 1.59 3.58
C ASN A 167 8.55 1.98 4.68
N PHE A 168 9.71 1.36 4.68
CA PHE A 168 10.72 1.56 5.73
C PHE A 168 11.61 2.77 5.46
N PHE A 169 11.72 3.64 6.45
CA PHE A 169 12.45 4.89 6.29
C PHE A 169 13.98 4.78 6.13
N GLN A 170 14.60 3.91 6.91
CA GLN A 170 16.07 3.87 6.98
C GLN A 170 16.75 3.46 5.68
N ASP A 171 16.22 2.43 5.02
CA ASP A 171 16.84 1.86 3.84
C ASP A 171 15.95 1.87 2.60
N HIS A 172 14.78 2.49 2.73
CA HIS A 172 13.83 2.62 1.62
C HIS A 172 13.28 1.30 1.10
N THR A 173 13.36 0.25 1.91
CA THR A 173 12.75 -1.04 1.54
C THR A 173 11.25 -0.96 1.75
N LYS A 174 10.52 -1.74 0.98
CA LYS A 174 9.06 -1.69 1.04
C LYS A 174 8.48 -3.09 0.93
N LEU A 175 7.43 -3.30 1.72
CA LEU A 175 6.68 -4.56 1.70
CA LEU A 175 6.69 -4.54 1.75
C LEU A 175 5.26 -4.26 1.25
N ILE A 176 4.76 -5.06 0.32
CA ILE A 176 3.37 -4.96 -0.09
C ILE A 176 2.76 -6.33 0.16
N LEU A 177 1.83 -6.38 1.11
CA LEU A 177 1.19 -7.63 1.55
C LEU A 177 -0.18 -7.73 0.93
N CYS A 178 -0.44 -8.85 0.27
CA CYS A 178 -1.67 -9.07 -0.50
C CYS A 178 -2.37 -10.31 0.02
N PRO A 179 -3.38 -10.12 0.88
CA PRO A 179 -3.93 -11.30 1.58
C PRO A 179 -4.80 -12.17 0.69
N LEU A 180 -5.32 -11.64 -0.41
CA LEU A 180 -6.12 -12.45 -1.31
C LEU A 180 -5.29 -13.54 -1.97
N MET A 181 -4.01 -13.25 -2.24
CA MET A 181 -3.11 -14.25 -2.79
C MET A 181 -2.12 -14.81 -1.77
N ALA A 182 -2.27 -14.38 -0.52
CA ALA A 182 -1.37 -14.77 0.55
C ALA A 182 0.08 -14.63 0.10
N ALA A 183 0.39 -13.44 -0.40
CA ALA A 183 1.68 -13.15 -1.00
C ALA A 183 2.25 -11.85 -0.46
N VAL A 184 3.54 -11.65 -0.63
CA VAL A 184 4.19 -10.41 -0.26
C VAL A 184 5.17 -10.05 -1.35
N THR A 185 5.17 -8.78 -1.71
CA THR A 185 6.16 -8.24 -2.63
C THR A 185 7.14 -7.40 -1.83
N TYR A 186 8.43 -7.64 -2.05
CA TYR A 186 9.48 -6.92 -1.35
C TYR A 186 10.33 -6.17 -2.34
N ILE A 187 10.45 -4.86 -2.11
CA ILE A 187 11.33 -3.97 -2.87
C ILE A 187 12.52 -3.68 -1.98
N ASP A 188 13.70 -4.04 -2.47
CA ASP A 188 14.89 -3.90 -1.64
C ASP A 188 15.59 -2.55 -1.84
N GLU A 189 16.68 -2.35 -1.10
CA GLU A 189 17.46 -1.10 -1.13
C GLU A 189 17.92 -0.71 -2.53
N LYS A 190 18.15 -1.70 -3.40
CA LYS A 190 18.58 -1.44 -4.77
C LYS A 190 17.42 -1.25 -5.75
N ARG A 191 16.20 -1.30 -5.23
CA ARG A 191 14.98 -1.16 -6.02
C ARG A 191 14.68 -2.40 -6.86
N ASP A 192 15.42 -3.47 -6.62
CA ASP A 192 15.03 -4.76 -7.19
C ASP A 192 13.82 -5.25 -6.43
N PHE A 193 12.99 -6.06 -7.07
CA PHE A 193 11.78 -6.50 -6.42
C PHE A 193 11.53 -7.98 -6.70
N ARG A 194 10.92 -8.61 -5.70
CA ARG A 194 10.51 -10.01 -5.80
C ARG A 194 9.17 -10.20 -5.13
N THR A 195 8.39 -11.17 -5.61
CA THR A 195 7.12 -11.49 -4.99
C THR A 195 7.17 -12.93 -4.52
N TYR A 196 6.74 -13.15 -3.29
CA TYR A 196 6.78 -14.47 -2.68
C TYR A 196 5.41 -14.90 -2.24
N ARG A 197 5.11 -16.18 -2.36
CA ARG A 197 3.96 -16.72 -1.64
CA ARG A 197 3.95 -16.71 -1.64
C ARG A 197 4.37 -17.05 -0.22
N LEU A 198 3.61 -16.61 0.77
CA LEU A 198 3.99 -16.77 2.15
C LEU A 198 4.14 -18.25 2.50
N SER A 199 3.29 -19.09 1.95
CA SER A 199 3.37 -20.52 2.23
CA SER A 199 3.35 -20.53 2.20
C SER A 199 4.69 -21.11 1.70
N LEU A 200 5.15 -20.61 0.56
CA LEU A 200 6.44 -21.08 0.03
C LEU A 200 7.61 -20.59 0.86
N LEU A 201 7.47 -19.42 1.51
CA LEU A 201 8.51 -18.99 2.44
C LEU A 201 8.59 -19.93 3.64
N GLU A 202 7.44 -20.47 4.09
CA GLU A 202 7.44 -21.49 5.13
C GLU A 202 8.25 -22.70 4.68
N GLU A 203 8.02 -23.13 3.45
CA GLU A 203 8.70 -24.29 2.91
C GLU A 203 10.21 -24.08 2.77
N TYR A 204 10.60 -22.95 2.18
CA TYR A 204 11.98 -22.77 1.74
C TYR A 204 12.81 -21.80 2.57
N GLY A 205 12.14 -20.97 3.36
CA GLY A 205 12.82 -20.02 4.21
C GLY A 205 13.17 -18.73 3.53
N CYS A 206 13.78 -17.84 4.30
CA CYS A 206 14.20 -16.55 3.81
C CYS A 206 15.27 -15.94 4.71
N CYS A 207 15.91 -14.90 4.20
CA CYS A 207 17.03 -14.28 4.90
C CYS A 207 16.55 -13.54 6.14
N LYS A 208 17.47 -13.24 7.04
CA LYS A 208 17.11 -12.59 8.30
C LYS A 208 16.45 -11.24 8.07
N GLU A 209 16.83 -10.53 7.02
CA GLU A 209 16.25 -9.19 6.79
C GLU A 209 14.77 -9.31 6.48
N LEU A 210 14.43 -10.21 5.57
CA LEU A 210 13.03 -10.36 5.21
C LEU A 210 12.25 -10.94 6.40
N ALA A 211 12.86 -11.89 7.11
CA ALA A 211 12.18 -12.46 8.29
C ALA A 211 11.84 -11.37 9.30
N SER A 212 12.78 -10.47 9.53
CA SER A 212 12.57 -9.33 10.46
C SER A 212 11.44 -8.44 9.97
N ARG A 213 11.40 -8.18 8.67
CA ARG A 213 10.33 -7.31 8.15
C ARG A 213 8.96 -8.00 8.23
N LEU A 214 8.93 -9.33 8.12
CA LEU A 214 7.66 -10.06 8.26
C LEU A 214 7.18 -10.10 9.73
N ARG A 215 8.09 -10.17 10.69
CA ARG A 215 7.70 -10.02 12.09
C ARG A 215 7.15 -8.62 12.33
N TYR A 216 7.86 -7.63 11.79
CA TYR A 216 7.45 -6.25 11.94
C TYR A 216 6.06 -6.05 11.31
N ALA A 217 5.84 -6.69 10.16
CA ALA A 217 4.54 -6.61 9.48
C ALA A 217 3.41 -7.13 10.35
N ARG A 218 3.64 -8.25 11.05
CA ARG A 218 2.61 -8.78 11.92
C ARG A 218 2.29 -7.78 13.04
N THR A 219 3.34 -7.16 13.62
CA THR A 219 3.14 -6.14 14.64
C THR A 219 2.29 -5.00 14.08
N MET A 220 2.53 -4.64 12.83
CA MET A 220 1.79 -3.54 12.21
C MET A 220 0.35 -3.90 11.93
N VAL A 221 0.10 -5.14 11.52
CA VAL A 221 -1.27 -5.58 11.26
C VAL A 221 -2.04 -5.65 12.58
N ASP A 222 -1.37 -6.08 13.67
CA ASP A 222 -2.00 -6.01 14.99
C ASP A 222 -2.37 -4.58 15.37
N LYS A 223 -1.48 -3.61 15.09
CA LYS A 223 -1.77 -2.20 15.36
C LYS A 223 -2.97 -1.72 14.53
N LEU A 224 -3.04 -2.11 13.26
CA LEU A 224 -4.19 -1.78 12.42
C LEU A 224 -5.50 -2.36 13.01
N LEU A 225 -5.44 -3.60 13.49
CA LEU A 225 -6.60 -4.24 14.08
C LEU A 225 -7.01 -3.62 15.41
N SER A 226 -6.04 -3.02 16.10
CA SER A 226 -6.28 -2.43 17.40
C SER A 226 -6.85 -1.03 17.24
N SER A 227 -6.78 -0.49 16.03
CA SER A 227 -7.15 0.89 15.76
C SER A 227 -8.55 1.00 15.19
N LEU B 3 5.63 16.08 5.70
CA LEU B 3 6.53 14.98 5.44
C LEU B 3 6.03 14.28 4.20
N HIS B 4 6.93 13.54 3.50
CA HIS B 4 6.54 12.93 2.25
C HIS B 4 7.49 11.80 1.91
N SER B 5 7.06 11.00 0.93
CA SER B 5 7.84 9.90 0.41
C SER B 5 9.10 10.37 -0.34
#